data_3QCQ
#
_entry.id   3QCQ
#
_cell.length_a   123.718
_cell.length_b   123.718
_cell.length_c   47.062
_cell.angle_alpha   90.00
_cell.angle_beta   90.00
_cell.angle_gamma   120.00
#
_symmetry.space_group_name_H-M   'P 32 2 1'
#
loop_
_entity.id
_entity.type
_entity.pdbx_description
1 polymer '3-phosphoinositide-dependent protein kinase 1'
2 non-polymer GLYCEROL
3 non-polymer 'SULFATE ION'
4 non-polymer 6-(3-amino-2H-indazol-6-yl)-N~4~-ethylpyrimidine-2,4-diamine
5 water water
#
_entity_poly.entity_id   1
_entity_poly.type   'polypeptide(L)'
_entity_poly.pdbx_seq_one_letter_code
;GPAMDGTAAEPRPGAGSLQHAQPPPQPRKKRPEDFKFGKILGEGSFSTVVLARELATSREYAIKILEKRHIIKENKVPYV
TRERDVMSRLDHPFFVKLYFTFQDDEKLYFGLSYAKNGELLKYIRKIGSFDETCTRFYTAEIVSALEYLHGKGIIHRDLK
PENILLNEDMHIQITDFGTAKVLSPESKQARAN(SEP)FVGTAQYVSPELLTEKSACKSSDLWALGCIIYQLVAGLPPFR
AGNEYLIFQKIIKLEYDFPEKFFPKARDLVEKLLVLDATKRLGCEEMEGYGPLKAHPFFESVTWENLHQQTPPKLT
;
_entity_poly.pdbx_strand_id   A
#
# COMPACT_ATOMS: atom_id res chain seq x y z
N GLN A 26 -9.98 6.52 -27.89
CA GLN A 26 -9.85 5.29 -27.13
C GLN A 26 -10.28 4.06 -27.95
N PRO A 27 -9.56 2.94 -27.78
CA PRO A 27 -9.89 1.70 -28.50
C PRO A 27 -11.30 1.19 -28.19
N ARG A 28 -11.78 0.20 -28.94
CA ARG A 28 -13.06 -0.43 -28.64
C ARG A 28 -12.89 -1.30 -27.41
N LYS A 29 -13.99 -1.56 -26.70
CA LYS A 29 -13.92 -2.24 -25.41
C LYS A 29 -13.27 -3.62 -25.56
N LYS A 30 -12.27 -3.90 -24.74
CA LYS A 30 -11.63 -5.22 -24.75
C LYS A 30 -12.56 -6.30 -24.19
N ARG A 31 -12.28 -7.57 -24.46
CA ARG A 31 -13.13 -8.65 -23.94
C ARG A 31 -12.28 -9.82 -23.45
N PRO A 32 -12.91 -10.73 -22.68
CA PRO A 32 -12.20 -11.89 -22.12
C PRO A 32 -11.43 -12.67 -23.19
N GLU A 33 -12.05 -12.81 -24.37
CA GLU A 33 -11.46 -13.57 -25.47
C GLU A 33 -10.22 -12.90 -26.07
N ASP A 34 -9.97 -11.64 -25.69
CA ASP A 34 -8.74 -10.96 -26.12
C ASP A 34 -7.51 -11.45 -25.35
N PHE A 35 -7.73 -12.26 -24.32
CA PHE A 35 -6.68 -12.66 -23.40
C PHE A 35 -6.46 -14.15 -23.28
N LYS A 36 -5.22 -14.51 -23.03
CA LYS A 36 -4.91 -15.84 -22.59
C LYS A 36 -4.67 -15.71 -21.09
N PHE A 37 -5.64 -16.14 -20.29
CA PHE A 37 -5.51 -16.14 -18.84
C PHE A 37 -4.58 -17.23 -18.34
N GLY A 38 -3.94 -16.97 -17.20
CA GLY A 38 -3.05 -17.92 -16.58
C GLY A 38 -3.28 -18.04 -15.09
N LYS A 39 -2.19 -17.96 -14.33
CA LYS A 39 -2.23 -18.22 -12.89
C LYS A 39 -2.87 -17.11 -12.09
N ILE A 40 -3.30 -17.49 -10.89
CA ILE A 40 -3.87 -16.57 -9.95
C ILE A 40 -2.76 -15.79 -9.24
N LEU A 41 -2.89 -14.47 -9.21
CA LEU A 41 -1.90 -13.59 -8.59
C LEU A 41 -2.36 -13.18 -7.20
N GLY A 42 -3.67 -13.17 -6.97
CA GLY A 42 -4.15 -12.77 -5.66
C GLY A 42 -5.60 -13.15 -5.44
N GLU A 43 -5.95 -13.34 -4.17
CA GLU A 43 -7.31 -13.71 -3.83
C GLU A 43 -7.84 -12.84 -2.71
N GLY A 44 -9.04 -12.33 -2.88
CA GLY A 44 -9.66 -11.56 -1.82
C GLY A 44 -11.08 -12.05 -1.61
N SER A 45 -11.77 -11.42 -0.67
CA SER A 45 -13.15 -11.79 -0.35
C SER A 45 -14.07 -11.65 -1.55
N PHE A 46 -13.89 -10.56 -2.30
CA PHE A 46 -14.83 -10.23 -3.37
C PHE A 46 -14.23 -10.25 -4.75
N SER A 47 -12.97 -10.66 -4.85
CA SER A 47 -12.24 -10.56 -6.10
C SER A 47 -11.09 -11.55 -6.16
N THR A 48 -10.67 -11.83 -7.39
CA THR A 48 -9.52 -12.66 -7.69
C THR A 48 -8.70 -11.95 -8.75
N VAL A 49 -7.38 -11.92 -8.58
CA VAL A 49 -6.50 -11.32 -9.59
C VAL A 49 -5.81 -12.41 -10.40
N VAL A 50 -5.88 -12.30 -11.72
CA VAL A 50 -5.36 -13.34 -12.61
C VAL A 50 -4.42 -12.76 -13.65
N LEU A 51 -3.28 -13.42 -13.84
CA LEU A 51 -2.34 -13.02 -14.87
C LEU A 51 -2.95 -13.31 -16.25
N ALA A 52 -2.93 -12.32 -17.12
CA ALA A 52 -3.44 -12.51 -18.48
C ALA A 52 -2.50 -11.87 -19.49
N ARG A 53 -2.32 -12.56 -20.60
CA ARG A 53 -1.53 -12.05 -21.69
C ARG A 53 -2.46 -11.63 -22.82
N GLU A 54 -2.47 -10.34 -23.14
CA GLU A 54 -3.24 -9.89 -24.28
C GLU A 54 -2.60 -10.41 -25.58
N LEU A 55 -3.42 -10.91 -26.51
CA LEU A 55 -2.89 -11.64 -27.67
C LEU A 55 -2.36 -10.72 -28.80
N ALA A 56 -3.08 -9.66 -29.11
CA ALA A 56 -2.61 -8.67 -30.08
C ALA A 56 -1.22 -8.12 -29.71
N THR A 57 -0.95 -7.94 -28.43
CA THR A 57 0.22 -7.18 -28.02
C THR A 57 1.30 -8.02 -27.32
N SER A 58 0.92 -9.23 -26.93
CA SER A 58 1.71 -10.08 -26.01
C SER A 58 1.98 -9.41 -24.62
N ARG A 59 1.21 -8.41 -24.27
CA ARG A 59 1.38 -7.72 -22.98
C ARG A 59 0.78 -8.49 -21.81
N GLU A 60 1.46 -8.42 -20.69
CA GLU A 60 0.97 -9.01 -19.46
C GLU A 60 0.27 -7.98 -18.59
N TYR A 61 -1.01 -8.23 -18.32
CA TYR A 61 -1.72 -7.47 -17.30
C TYR A 61 -2.08 -8.37 -16.14
N ALA A 62 -2.35 -7.74 -15.00
CA ALA A 62 -2.94 -8.42 -13.86
C ALA A 62 -4.41 -8.06 -13.86
N ILE A 63 -5.27 -9.00 -14.24
CA ILE A 63 -6.68 -8.67 -14.38
C ILE A 63 -7.46 -9.00 -13.11
N LYS A 64 -8.02 -7.97 -12.49
CA LYS A 64 -8.84 -8.14 -11.30
C LYS A 64 -10.27 -8.48 -11.70
N ILE A 65 -10.73 -9.66 -11.28
CA ILE A 65 -12.05 -10.13 -11.67
C ILE A 65 -13.00 -10.11 -10.47
N LEU A 66 -14.13 -9.42 -10.64
CA LEU A 66 -15.10 -9.28 -9.56
C LEU A 66 -16.44 -9.77 -10.02
N GLU A 67 -17.06 -10.63 -9.22
CA GLU A 67 -18.36 -11.15 -9.58
C GLU A 67 -19.46 -10.20 -9.12
N LYS A 68 -20.20 -9.67 -10.09
CA LYS A 68 -21.24 -8.70 -9.84
C LYS A 68 -22.24 -9.15 -8.77
N ARG A 69 -22.76 -10.36 -8.90
CA ARG A 69 -23.79 -10.85 -7.98
C ARG A 69 -23.33 -10.76 -6.53
N HIS A 70 -22.13 -11.28 -6.27
CA HIS A 70 -21.58 -11.31 -4.93
C HIS A 70 -21.34 -9.89 -4.40
N ILE A 71 -20.90 -9.00 -5.26
CA ILE A 71 -20.64 -7.62 -4.86
C ILE A 71 -21.93 -6.90 -4.46
N ILE A 72 -22.98 -7.12 -5.25
CA ILE A 72 -24.29 -6.54 -4.98
C ILE A 72 -24.90 -7.15 -3.72
N LYS A 73 -24.75 -8.46 -3.59
CA LYS A 73 -25.32 -9.17 -2.46
C LYS A 73 -24.68 -8.70 -1.16
N GLU A 74 -23.49 -8.13 -1.24
CA GLU A 74 -22.77 -7.74 -0.01
C GLU A 74 -22.63 -6.23 0.17
N ASN A 75 -23.37 -5.48 -0.65
CA ASN A 75 -23.30 -4.02 -0.66
C ASN A 75 -21.89 -3.45 -0.82
N LYS A 76 -21.14 -4.00 -1.78
CA LYS A 76 -19.79 -3.53 -2.05
C LYS A 76 -19.71 -2.54 -3.21
N VAL A 77 -20.83 -2.31 -3.88
CA VAL A 77 -20.81 -1.46 -5.07
C VAL A 77 -20.09 -0.12 -4.84
N PRO A 78 -20.27 0.49 -3.67
CA PRO A 78 -19.53 1.72 -3.37
C PRO A 78 -18.01 1.54 -3.39
N TYR A 79 -17.53 0.38 -2.94
CA TYR A 79 -16.10 0.15 -2.82
C TYR A 79 -15.45 -0.09 -4.18
N VAL A 80 -16.10 -0.93 -4.97
CA VAL A 80 -15.70 -1.15 -6.34
C VAL A 80 -15.67 0.15 -7.12
N THR A 81 -16.73 0.92 -6.97
CA THR A 81 -16.82 2.21 -7.61
C THR A 81 -15.63 3.08 -7.21
N ARG A 82 -15.38 3.18 -5.91
CA ARG A 82 -14.32 4.04 -5.42
C ARG A 82 -12.94 3.58 -5.90
N GLU A 83 -12.71 2.28 -5.92
CA GLU A 83 -11.45 1.77 -6.42
C GLU A 83 -11.22 2.15 -7.88
N ARG A 84 -12.24 1.98 -8.71
CA ARG A 84 -12.09 2.30 -10.13
C ARG A 84 -11.82 3.79 -10.34
N ASP A 85 -12.56 4.62 -9.62
CA ASP A 85 -12.42 6.07 -9.77
C ASP A 85 -11.07 6.54 -9.25
N VAL A 86 -10.61 5.96 -8.15
CA VAL A 86 -9.35 6.35 -7.57
C VAL A 86 -8.17 5.95 -8.44
N MET A 87 -8.21 4.72 -8.95
CA MET A 87 -7.09 4.19 -9.72
C MET A 87 -7.00 4.83 -11.11
N SER A 88 -8.02 5.60 -11.47
CA SER A 88 -8.02 6.32 -12.73
C SER A 88 -7.35 7.66 -12.56
N ARG A 89 -7.61 8.30 -11.41
CA ARG A 89 -6.99 9.55 -11.02
C ARG A 89 -5.49 9.43 -10.69
N LEU A 90 -4.95 8.22 -10.70
CA LEU A 90 -3.54 8.04 -10.32
C LEU A 90 -2.65 7.90 -11.53
N ASP A 91 -1.57 8.67 -11.53
CA ASP A 91 -0.63 8.67 -12.62
C ASP A 91 0.78 8.84 -12.07
N HIS A 92 1.37 7.74 -11.63
CA HIS A 92 2.64 7.81 -10.93
C HIS A 92 3.29 6.45 -10.94
N PRO A 93 4.62 6.40 -11.14
CA PRO A 93 5.30 5.11 -11.19
C PRO A 93 5.15 4.24 -9.91
N PHE A 94 4.88 4.84 -8.75
CA PHE A 94 4.80 4.00 -7.54
C PHE A 94 3.39 3.47 -7.25
N PHE A 95 2.51 3.57 -8.24
CA PHE A 95 1.14 3.07 -8.10
C PHE A 95 0.75 2.19 -9.27
N VAL A 96 0.27 1.00 -8.95
CA VAL A 96 -0.33 0.11 -9.93
C VAL A 96 -1.33 0.93 -10.72
N LYS A 97 -1.38 0.70 -12.03
CA LYS A 97 -2.19 1.52 -12.91
C LYS A 97 -3.45 0.75 -13.37
N LEU A 98 -4.55 1.46 -13.58
CA LEU A 98 -5.72 0.85 -14.20
C LEU A 98 -5.73 1.16 -15.70
N TYR A 99 -5.47 0.15 -16.52
CA TYR A 99 -5.34 0.36 -17.96
C TYR A 99 -6.67 0.36 -18.68
N PHE A 100 -7.63 -0.40 -18.16
CA PHE A 100 -8.90 -0.58 -18.85
C PHE A 100 -9.88 -1.37 -17.99
N THR A 101 -11.13 -1.34 -18.38
CA THR A 101 -12.13 -2.15 -17.72
C THR A 101 -13.07 -2.74 -18.77
N PHE A 102 -13.73 -3.83 -18.42
CA PHE A 102 -14.82 -4.33 -19.24
C PHE A 102 -15.65 -5.28 -18.40
N GLN A 103 -16.77 -5.73 -18.92
CA GLN A 103 -17.56 -6.70 -18.19
C GLN A 103 -18.24 -7.65 -19.13
N ASP A 104 -18.58 -8.81 -18.62
CA ASP A 104 -19.49 -9.68 -19.34
C ASP A 104 -20.72 -9.82 -18.44
N ASP A 105 -21.49 -10.89 -18.60
CA ASP A 105 -22.76 -11.00 -17.91
C ASP A 105 -22.61 -11.04 -16.39
N GLU A 106 -21.61 -11.76 -15.91
CA GLU A 106 -21.52 -12.05 -14.49
C GLU A 106 -20.37 -11.33 -13.81
N LYS A 107 -19.41 -10.84 -14.59
CA LYS A 107 -18.17 -10.33 -14.00
C LYS A 107 -17.71 -8.96 -14.49
N LEU A 108 -17.03 -8.24 -13.60
CA LEU A 108 -16.24 -7.05 -13.94
C LEU A 108 -14.77 -7.43 -14.08
N TYR A 109 -14.08 -6.78 -15.00
CA TYR A 109 -12.63 -6.99 -15.19
C TYR A 109 -11.91 -5.65 -15.12
N PHE A 110 -10.89 -5.55 -14.26
CA PHE A 110 -9.99 -4.41 -14.29
C PHE A 110 -8.59 -4.79 -14.77
N GLY A 111 -8.11 -4.12 -15.80
CA GLY A 111 -6.76 -4.35 -16.27
C GLY A 111 -5.76 -3.51 -15.49
N LEU A 112 -4.93 -4.20 -14.70
CA LEU A 112 -3.98 -3.55 -13.81
C LEU A 112 -2.53 -3.80 -14.21
N SER A 113 -1.63 -2.91 -13.79
CA SER A 113 -0.19 -3.16 -13.92
C SER A 113 0.12 -4.55 -13.36
N TYR A 114 1.04 -5.25 -14.02
CA TYR A 114 1.51 -6.53 -13.51
C TYR A 114 2.85 -6.36 -12.77
N ALA A 115 2.81 -6.51 -11.45
CA ALA A 115 4.03 -6.43 -10.65
C ALA A 115 4.64 -7.80 -10.55
N LYS A 116 5.60 -8.05 -11.41
CA LYS A 116 6.18 -9.37 -11.62
C LYS A 116 6.73 -9.97 -10.32
N ASN A 117 7.38 -9.16 -9.50
CA ASN A 117 8.03 -9.67 -8.29
C ASN A 117 7.13 -9.83 -7.05
N GLY A 118 5.85 -9.50 -7.20
CA GLY A 118 4.88 -9.71 -6.15
C GLY A 118 5.01 -8.80 -4.93
N GLU A 119 4.69 -9.34 -3.76
CA GLU A 119 4.56 -8.54 -2.55
C GLU A 119 5.88 -8.24 -1.86
N LEU A 120 5.95 -7.04 -1.30
CA LEU A 120 7.01 -6.68 -0.40
C LEU A 120 7.09 -7.66 0.76
N LEU A 121 5.93 -8.11 1.24
CA LEU A 121 5.85 -9.11 2.31
C LEU A 121 6.68 -10.36 2.00
N LYS A 122 6.62 -10.81 0.75
CA LYS A 122 7.40 -11.97 0.34
C LYS A 122 8.88 -11.73 0.56
N TYR A 123 9.35 -10.52 0.30
CA TYR A 123 10.78 -10.22 0.52
C TYR A 123 11.14 -10.08 1.98
N ILE A 124 10.25 -9.48 2.77
CA ILE A 124 10.50 -9.38 4.20
C ILE A 124 10.69 -10.79 4.78
N ARG A 125 9.81 -11.71 4.39
CA ARG A 125 9.89 -13.09 4.84
C ARG A 125 11.11 -13.84 4.30
N LYS A 126 11.35 -13.68 3.01
CA LYS A 126 12.48 -14.32 2.34
C LYS A 126 13.80 -13.99 3.02
N ILE A 127 14.05 -12.70 3.24
CA ILE A 127 15.36 -12.29 3.71
C ILE A 127 15.37 -11.95 5.20
N GLY A 128 14.22 -12.06 5.86
CA GLY A 128 14.13 -11.76 7.28
C GLY A 128 13.87 -10.29 7.56
N SER A 129 14.93 -9.50 7.65
CA SER A 129 14.80 -8.06 7.81
C SER A 129 15.75 -7.35 6.86
N PHE A 130 15.47 -6.08 6.56
CA PHE A 130 16.30 -5.33 5.62
C PHE A 130 17.47 -4.66 6.33
N ASP A 131 18.59 -4.53 5.64
CA ASP A 131 19.71 -3.73 6.15
C ASP A 131 19.35 -2.26 5.97
N GLU A 132 20.22 -1.35 6.41
CA GLU A 132 19.87 0.07 6.42
C GLU A 132 19.63 0.67 5.03
N THR A 133 20.54 0.41 4.10
CA THR A 133 20.40 0.87 2.73
C THR A 133 19.07 0.50 2.05
N CYS A 134 18.72 -0.78 2.07
CA CYS A 134 17.46 -1.22 1.48
C CYS A 134 16.25 -0.61 2.20
N THR A 135 16.31 -0.59 3.53
CA THR A 135 15.27 0.03 4.32
C THR A 135 15.09 1.51 3.95
N ARG A 136 16.20 2.22 3.77
CA ARG A 136 16.15 3.63 3.42
C ARG A 136 15.55 3.86 2.03
N PHE A 137 15.99 3.10 1.05
CA PHE A 137 15.46 3.29 -0.30
C PHE A 137 13.96 2.99 -0.33
N TYR A 138 13.56 1.84 0.19
CA TYR A 138 12.16 1.44 0.09
C TYR A 138 11.23 2.28 0.94
N THR A 139 11.71 2.76 2.08
CA THR A 139 10.93 3.67 2.88
C THR A 139 10.73 4.98 2.15
N ALA A 140 11.80 5.46 1.50
CA ALA A 140 11.73 6.69 0.71
C ALA A 140 10.74 6.57 -0.45
N GLU A 141 10.69 5.42 -1.10
CA GLU A 141 9.72 5.23 -2.18
C GLU A 141 8.31 5.26 -1.64
N ILE A 142 8.10 4.63 -0.49
CA ILE A 142 6.78 4.61 0.14
C ILE A 142 6.36 6.03 0.51
N VAL A 143 7.29 6.76 1.14
CA VAL A 143 7.05 8.16 1.50
C VAL A 143 6.70 9.00 0.28
N SER A 144 7.53 8.91 -0.75
CA SER A 144 7.29 9.66 -1.99
C SER A 144 5.92 9.33 -2.64
N ALA A 145 5.54 8.06 -2.63
CA ALA A 145 4.20 7.62 -3.10
C ALA A 145 3.07 8.23 -2.27
N LEU A 146 3.23 8.17 -0.95
CA LEU A 146 2.25 8.76 -0.03
C LEU A 146 2.09 10.26 -0.27
N GLU A 147 3.20 10.94 -0.41
CA GLU A 147 3.15 12.36 -0.72
C GLU A 147 2.32 12.63 -1.96
N TYR A 148 2.50 11.82 -3.00
CA TYR A 148 1.71 11.99 -4.20
C TYR A 148 0.20 11.72 -3.95
N LEU A 149 -0.07 10.62 -3.27
CA LEU A 149 -1.44 10.21 -2.99
C LEU A 149 -2.14 11.29 -2.19
N HIS A 150 -1.49 11.70 -1.12
CA HIS A 150 -2.02 12.72 -0.24
C HIS A 150 -2.20 14.09 -0.91
N GLY A 151 -1.32 14.44 -1.85
CA GLY A 151 -1.51 15.63 -2.64
C GLY A 151 -2.81 15.64 -3.48
N LYS A 152 -3.29 14.47 -3.85
CA LYS A 152 -4.56 14.40 -4.57
C LYS A 152 -5.75 14.23 -3.64
N GLY A 153 -5.52 14.40 -2.34
CA GLY A 153 -6.60 14.34 -1.38
C GLY A 153 -7.11 12.93 -1.17
N ILE A 154 -6.24 11.95 -1.34
CA ILE A 154 -6.65 10.55 -1.27
C ILE A 154 -5.93 9.81 -0.14
N ILE A 155 -6.68 8.99 0.57
CA ILE A 155 -6.15 8.19 1.68
C ILE A 155 -6.33 6.71 1.34
N HIS A 156 -5.29 5.92 1.56
CA HIS A 156 -5.33 4.50 1.21
C HIS A 156 -6.15 3.70 2.24
N ARG A 157 -5.93 3.99 3.53
CA ARG A 157 -6.68 3.37 4.63
C ARG A 157 -6.35 1.90 4.91
N ASP A 158 -5.51 1.31 4.09
CA ASP A 158 -5.16 -0.08 4.31
C ASP A 158 -3.77 -0.38 3.77
N LEU A 159 -2.84 0.54 4.00
CA LEU A 159 -1.49 0.37 3.53
C LEU A 159 -0.77 -0.73 4.32
N LYS A 160 -0.08 -1.62 3.62
CA LYS A 160 0.60 -2.76 4.24
C LYS A 160 1.46 -3.49 3.20
N PRO A 161 2.47 -4.25 3.66
CA PRO A 161 3.43 -4.92 2.77
C PRO A 161 2.79 -5.83 1.72
N GLU A 162 1.55 -6.28 1.95
CA GLU A 162 0.81 -7.10 0.98
C GLU A 162 0.33 -6.26 -0.21
N ASN A 163 0.05 -4.99 0.07
CA ASN A 163 -0.40 -3.98 -0.89
C ASN A 163 0.73 -3.30 -1.61
N ILE A 164 1.95 -3.56 -1.18
CA ILE A 164 3.10 -2.87 -1.71
C ILE A 164 3.85 -3.84 -2.60
N LEU A 165 3.66 -3.69 -3.91
CA LEU A 165 4.16 -4.67 -4.85
C LEU A 165 5.51 -4.27 -5.39
N LEU A 166 6.25 -5.24 -5.90
CA LEU A 166 7.55 -4.95 -6.46
C LEU A 166 7.56 -5.20 -7.97
N ASN A 167 7.76 -4.13 -8.74
CA ASN A 167 7.87 -4.30 -10.17
C ASN A 167 9.07 -5.17 -10.55
N GLU A 168 9.10 -5.54 -11.81
CA GLU A 168 10.19 -6.31 -12.37
C GLU A 168 11.55 -5.66 -12.13
N ASP A 169 11.58 -4.33 -12.12
CA ASP A 169 12.80 -3.57 -11.85
C ASP A 169 13.01 -3.32 -10.36
N MET A 170 12.14 -3.89 -9.54
CA MET A 170 12.26 -3.80 -8.09
C MET A 170 11.91 -2.44 -7.46
N HIS A 171 11.23 -1.58 -8.21
CA HIS A 171 10.56 -0.42 -7.62
C HIS A 171 9.17 -0.83 -7.09
N ILE A 172 8.67 -0.11 -6.09
CA ILE A 172 7.35 -0.40 -5.55
C ILE A 172 6.23 0.05 -6.48
N GLN A 173 5.10 -0.65 -6.37
CA GLN A 173 3.85 -0.26 -7.00
C GLN A 173 2.76 -0.63 -6.02
N ILE A 174 2.20 0.38 -5.40
CA ILE A 174 1.15 0.21 -4.41
C ILE A 174 -0.18 -0.08 -5.07
N THR A 175 -0.90 -1.05 -4.54
CA THR A 175 -2.18 -1.40 -5.13
C THR A 175 -3.32 -1.48 -4.12
N ASP A 176 -4.50 -1.94 -4.58
CA ASP A 176 -5.65 -2.25 -3.73
C ASP A 176 -6.28 -1.02 -3.09
N PHE A 177 -7.18 -0.37 -3.84
CA PHE A 177 -7.70 0.94 -3.48
C PHE A 177 -9.19 0.99 -3.20
N GLY A 178 -9.85 -0.16 -3.09
CA GLY A 178 -11.27 -0.15 -2.81
C GLY A 178 -11.60 0.52 -1.48
N THR A 179 -10.74 0.35 -0.49
CA THR A 179 -10.95 0.91 0.84
C THR A 179 -10.45 2.34 1.01
N ALA A 180 -10.04 2.95 -0.09
CA ALA A 180 -9.55 4.32 -0.06
C ALA A 180 -10.69 5.30 0.23
N LYS A 181 -10.34 6.50 0.65
CA LYS A 181 -11.31 7.57 0.81
C LYS A 181 -10.79 8.77 0.04
N VAL A 182 -11.69 9.49 -0.62
CA VAL A 182 -11.31 10.73 -1.29
C VAL A 182 -11.84 11.88 -0.45
N LEU A 183 -10.94 12.74 0.02
CA LEU A 183 -11.31 13.77 1.00
C LEU A 183 -12.10 14.92 0.38
N SER A 184 -13.09 15.38 1.15
CA SER A 184 -14.01 16.44 0.72
C SER A 184 -13.30 17.78 0.54
N PHE A 195 -14.98 1.81 7.98
CA PHE A 195 -14.35 0.52 7.70
C PHE A 195 -13.06 0.37 8.50
N VAL A 196 -12.61 -0.87 8.69
CA VAL A 196 -11.35 -1.15 9.41
C VAL A 196 -10.40 -2.04 8.61
N GLY A 197 -9.22 -1.52 8.26
CA GLY A 197 -8.23 -2.30 7.53
C GLY A 197 -7.61 -3.45 8.32
N THR A 198 -6.45 -3.92 7.85
CA THR A 198 -5.70 -5.00 8.50
C THR A 198 -5.30 -4.65 9.92
N ALA A 199 -5.54 -5.58 10.84
CA ALA A 199 -5.52 -5.28 12.28
C ALA A 199 -4.21 -4.67 12.80
N GLN A 200 -3.08 -5.19 12.35
CA GLN A 200 -1.78 -4.74 12.84
C GLN A 200 -1.34 -3.36 12.33
N TYR A 201 -2.02 -2.84 11.31
CA TYR A 201 -1.68 -1.53 10.73
C TYR A 201 -2.74 -0.45 11.06
N VAL A 202 -3.79 -0.85 11.76
CA VAL A 202 -4.88 0.04 12.16
C VAL A 202 -4.39 1.11 13.14
N SER A 203 -4.74 2.36 12.88
CA SER A 203 -4.33 3.48 13.74
C SER A 203 -5.25 3.58 14.94
N PRO A 204 -4.76 4.16 16.05
CA PRO A 204 -5.56 4.24 17.28
C PRO A 204 -6.86 5.02 17.07
N GLU A 205 -6.84 6.05 16.22
CA GLU A 205 -8.01 6.88 16.00
C GLU A 205 -9.14 6.11 15.33
N LEU A 206 -8.81 5.05 14.60
CA LEU A 206 -9.85 4.21 14.02
C LEU A 206 -10.55 3.41 15.11
N LEU A 207 -9.79 2.92 16.09
CA LEU A 207 -10.34 2.12 17.20
C LEU A 207 -10.99 2.97 18.27
N THR A 208 -10.85 4.28 18.15
CA THR A 208 -11.42 5.18 19.15
C THR A 208 -12.43 6.18 18.57
N GLU A 209 -12.58 6.22 17.25
CA GLU A 209 -13.45 7.24 16.64
C GLU A 209 -14.17 6.86 15.36
N LYS A 210 -13.73 5.80 14.69
CA LYS A 210 -14.24 5.46 13.37
C LYS A 210 -13.92 6.58 12.39
N SER A 211 -12.91 7.39 12.74
CA SER A 211 -12.49 8.52 11.91
C SER A 211 -11.04 8.37 11.44
N ALA A 212 -10.78 8.74 10.18
CA ALA A 212 -9.44 8.62 9.62
C ALA A 212 -9.01 9.87 8.83
N CYS A 213 -7.79 9.81 8.31
CA CYS A 213 -7.18 10.93 7.60
C CYS A 213 -5.78 10.50 7.14
N LYS A 214 -5.00 11.43 6.60
CA LYS A 214 -3.69 11.09 6.08
C LYS A 214 -2.81 10.45 7.13
N SER A 215 -2.86 10.98 8.34
CA SER A 215 -2.12 10.41 9.47
C SER A 215 -2.29 8.89 9.64
N SER A 216 -3.48 8.36 9.35
CA SER A 216 -3.70 6.91 9.39
C SER A 216 -2.72 6.19 8.45
N ASP A 217 -2.52 6.76 7.27
CA ASP A 217 -1.53 6.23 6.34
C ASP A 217 -0.13 6.30 6.94
N LEU A 218 0.18 7.40 7.65
CA LEU A 218 1.51 7.60 8.26
C LEU A 218 1.76 6.67 9.44
N TRP A 219 0.70 6.42 10.22
CA TRP A 219 0.75 5.41 11.25
C TRP A 219 1.19 4.09 10.60
N ALA A 220 0.47 3.67 9.58
CA ALA A 220 0.80 2.42 8.89
C ALA A 220 2.23 2.42 8.34
N LEU A 221 2.68 3.58 7.87
CA LEU A 221 4.06 3.73 7.41
C LEU A 221 5.07 3.46 8.54
N GLY A 222 4.81 4.00 9.72
CA GLY A 222 5.60 3.69 10.90
C GLY A 222 5.69 2.20 11.17
N CYS A 223 4.56 1.49 11.06
CA CYS A 223 4.53 0.04 11.21
C CYS A 223 5.37 -0.68 10.15
N ILE A 224 5.23 -0.25 8.90
CA ILE A 224 5.94 -0.87 7.79
C ILE A 224 7.47 -0.71 7.92
N ILE A 225 7.91 0.46 8.35
CA ILE A 225 9.32 0.72 8.58
C ILE A 225 9.85 -0.18 9.69
N TYR A 226 9.11 -0.23 10.79
CA TYR A 226 9.46 -1.10 11.90
C TYR A 226 9.62 -2.54 11.42
N GLN A 227 8.70 -2.97 10.57
CA GLN A 227 8.66 -4.32 10.06
C GLN A 227 9.78 -4.59 9.04
N LEU A 228 10.20 -3.58 8.31
CA LEU A 228 11.32 -3.79 7.40
C LEU A 228 12.57 -4.02 8.25
N VAL A 229 12.71 -3.24 9.31
CA VAL A 229 13.92 -3.24 10.11
C VAL A 229 13.99 -4.44 11.04
N ALA A 230 12.87 -4.74 11.68
CA ALA A 230 12.84 -5.77 12.70
C ALA A 230 12.38 -7.12 12.18
N GLY A 231 11.79 -7.16 10.99
CA GLY A 231 11.31 -8.41 10.42
C GLY A 231 9.87 -8.74 10.79
N LEU A 232 9.32 -8.02 11.76
CA LEU A 232 7.96 -8.23 12.26
C LEU A 232 7.26 -6.88 12.50
N PRO A 233 5.91 -6.88 12.44
CA PRO A 233 5.10 -5.68 12.71
C PRO A 233 5.14 -5.35 14.21
N PRO A 234 5.03 -4.07 14.56
CA PRO A 234 5.31 -3.73 15.96
C PRO A 234 4.24 -4.22 16.95
N PHE A 235 2.98 -4.33 16.51
CA PHE A 235 1.91 -4.79 17.38
C PHE A 235 1.45 -6.21 17.03
N ARG A 236 1.97 -7.18 17.77
CA ARG A 236 1.60 -8.59 17.58
C ARG A 236 0.96 -9.16 18.84
N ALA A 237 -0.09 -9.95 18.69
CA ALA A 237 -0.71 -10.61 19.83
C ALA A 237 -1.52 -11.82 19.37
N GLY A 238 -2.01 -12.60 20.32
CA GLY A 238 -2.70 -13.84 19.97
C GLY A 238 -3.95 -13.65 19.13
N ASN A 239 -4.58 -12.48 19.23
CA ASN A 239 -5.80 -12.25 18.46
C ASN A 239 -6.03 -10.77 18.21
N GLU A 240 -7.05 -10.48 17.41
CA GLU A 240 -7.29 -9.10 17.00
C GLU A 240 -7.60 -8.18 18.16
N TYR A 241 -8.39 -8.67 19.12
CA TYR A 241 -8.74 -7.85 20.27
C TYR A 241 -7.47 -7.40 20.98
N LEU A 242 -6.57 -8.35 21.20
CA LEU A 242 -5.33 -8.07 21.91
C LEU A 242 -4.44 -7.12 21.11
N ILE A 243 -4.41 -7.29 19.80
CA ILE A 243 -3.65 -6.40 18.92
C ILE A 243 -4.20 -4.99 19.09
N PHE A 244 -5.52 -4.86 19.06
CA PHE A 244 -6.15 -3.57 19.28
C PHE A 244 -5.79 -2.96 20.62
N GLN A 245 -5.75 -3.77 21.67
CA GLN A 245 -5.38 -3.27 22.99
C GLN A 245 -4.00 -2.64 22.94
N LYS A 246 -3.05 -3.34 22.31
CA LYS A 246 -1.67 -2.88 22.31
C LYS A 246 -1.56 -1.56 21.56
N ILE A 247 -2.24 -1.49 20.42
CA ILE A 247 -2.29 -0.26 19.63
C ILE A 247 -2.72 0.96 20.46
N ILE A 248 -3.91 0.92 21.04
CA ILE A 248 -4.40 2.07 21.81
C ILE A 248 -3.53 2.34 23.05
N LYS A 249 -2.73 1.36 23.44
CA LYS A 249 -1.85 1.52 24.58
C LYS A 249 -0.44 1.91 24.13
N LEU A 250 -0.21 1.89 22.82
CA LEU A 250 1.11 2.11 22.23
C LEU A 250 2.08 1.12 22.85
N GLU A 251 1.67 -0.13 22.87
CA GLU A 251 2.42 -1.16 23.55
C GLU A 251 3.24 -1.96 22.57
N TYR A 252 4.50 -1.57 22.40
CA TYR A 252 5.42 -2.26 21.51
C TYR A 252 6.77 -1.73 21.90
N ASP A 253 7.84 -2.37 21.44
CA ASP A 253 9.17 -1.82 21.72
C ASP A 253 10.16 -2.26 20.67
N PHE A 254 11.30 -1.58 20.67
CA PHE A 254 12.29 -1.78 19.63
C PHE A 254 13.29 -2.86 20.01
N PRO A 255 13.59 -3.75 19.07
CA PRO A 255 14.74 -4.65 19.21
C PRO A 255 16.00 -3.81 19.37
N GLU A 256 17.05 -4.38 19.92
CA GLU A 256 18.27 -3.63 20.22
C GLU A 256 19.13 -3.33 18.99
N LYS A 257 18.95 -4.11 17.93
CA LYS A 257 19.73 -3.94 16.71
C LYS A 257 19.14 -2.90 15.75
N PHE A 258 18.04 -2.28 16.18
CA PHE A 258 17.30 -1.32 15.36
C PHE A 258 18.14 -0.07 15.00
N PHE A 259 18.28 0.22 13.70
CA PHE A 259 19.01 1.44 13.30
C PHE A 259 18.42 2.64 14.04
N PRO A 260 19.24 3.31 14.86
CA PRO A 260 18.80 4.40 15.74
C PRO A 260 18.00 5.49 15.00
N LYS A 261 18.53 5.97 13.87
CA LYS A 261 17.86 6.98 13.08
C LYS A 261 16.50 6.52 12.55
N ALA A 262 16.39 5.23 12.24
CA ALA A 262 15.10 4.65 11.87
C ALA A 262 14.19 4.57 13.10
N ARG A 263 14.78 4.32 14.26
CA ARG A 263 13.97 4.20 15.46
C ARG A 263 13.38 5.55 15.80
N ASP A 264 14.19 6.58 15.64
CA ASP A 264 13.71 7.91 15.94
C ASP A 264 12.59 8.29 14.98
N LEU A 265 12.75 7.95 13.71
CA LEU A 265 11.69 8.19 12.74
C LEU A 265 10.42 7.41 13.08
N VAL A 266 10.55 6.13 13.44
CA VAL A 266 9.38 5.34 13.78
C VAL A 266 8.64 5.95 14.98
N GLU A 267 9.38 6.38 15.99
CA GLU A 267 8.76 7.03 17.14
C GLU A 267 8.07 8.35 16.78
N LYS A 268 8.53 9.02 15.73
CA LYS A 268 7.87 10.25 15.31
C LYS A 268 6.66 9.98 14.42
N LEU A 269 6.36 8.68 14.23
CA LEU A 269 5.23 8.25 13.41
C LEU A 269 4.17 7.48 14.22
N LEU A 270 4.63 6.61 15.11
CA LEU A 270 3.73 5.85 15.96
C LEU A 270 3.38 6.68 17.18
N VAL A 271 2.59 7.71 16.94
CA VAL A 271 2.18 8.65 17.97
C VAL A 271 0.66 8.56 18.09
N LEU A 272 0.14 8.36 19.30
CA LEU A 272 -1.31 8.18 19.48
C LEU A 272 -2.12 9.37 18.96
N ASP A 273 -1.66 10.58 19.27
CA ASP A 273 -2.27 11.79 18.74
C ASP A 273 -1.91 11.95 17.25
N ALA A 274 -2.92 11.90 16.41
CA ALA A 274 -2.72 11.90 14.97
C ALA A 274 -2.27 13.26 14.44
N THR A 275 -2.42 14.29 15.26
CA THR A 275 -2.02 15.63 14.81
C THR A 275 -0.54 15.87 15.05
N LYS A 276 0.16 14.86 15.57
CA LYS A 276 1.59 15.02 15.87
C LYS A 276 2.48 14.02 15.14
N ARG A 277 1.92 13.31 14.16
CA ARG A 277 2.73 12.40 13.35
C ARG A 277 3.49 13.15 12.28
N LEU A 278 4.82 12.99 12.30
CA LEU A 278 5.69 13.55 11.27
C LEU A 278 5.04 13.34 9.92
N GLY A 279 4.92 14.40 9.13
CA GLY A 279 4.35 14.29 7.81
C GLY A 279 2.92 14.79 7.65
N CYS A 280 2.16 14.87 8.75
CA CYS A 280 0.78 15.33 8.66
C CYS A 280 0.72 16.87 8.65
N GLU A 281 -0.43 17.41 8.27
CA GLU A 281 -0.59 18.86 8.09
C GLU A 281 -0.27 19.75 9.30
N GLU A 282 -0.64 19.29 10.50
CA GLU A 282 -0.37 20.05 11.70
C GLU A 282 1.12 20.07 12.02
N MET A 283 1.85 19.10 11.48
CA MET A 283 3.31 19.08 11.59
C MET A 283 3.95 19.69 10.36
N GLU A 284 3.11 20.32 9.51
CA GLU A 284 3.57 21.01 8.29
C GLU A 284 4.00 20.09 7.15
N GLY A 285 3.52 18.85 7.16
CA GLY A 285 3.57 18.01 5.96
C GLY A 285 4.85 17.25 5.67
N TYR A 286 5.08 17.06 4.38
CA TYR A 286 6.12 16.16 3.91
C TYR A 286 7.53 16.70 3.95
N GLY A 287 7.68 18.03 3.91
CA GLY A 287 9.00 18.63 4.02
C GLY A 287 9.79 18.15 5.23
N PRO A 288 9.21 18.31 6.42
CA PRO A 288 9.90 17.90 7.64
C PRO A 288 10.11 16.39 7.70
N LEU A 289 9.16 15.61 7.20
CA LEU A 289 9.30 14.16 7.14
C LEU A 289 10.48 13.73 6.26
N LYS A 290 10.50 14.24 5.03
CA LYS A 290 11.59 13.98 4.09
C LYS A 290 12.94 14.49 4.59
N ALA A 291 12.92 15.53 5.42
CA ALA A 291 14.17 16.05 5.95
C ALA A 291 14.65 15.28 7.18
N HIS A 292 13.93 14.25 7.58
CA HIS A 292 14.37 13.45 8.73
C HIS A 292 15.76 12.87 8.49
N PRO A 293 16.60 12.90 9.52
CA PRO A 293 18.00 12.48 9.43
C PRO A 293 18.16 11.09 8.83
N PHE A 294 17.23 10.20 9.13
CA PHE A 294 17.27 8.87 8.54
C PHE A 294 17.34 8.90 7.02
N PHE A 295 16.84 9.96 6.41
CA PHE A 295 16.77 10.06 4.96
C PHE A 295 17.92 10.89 4.42
N GLU A 296 18.91 11.13 5.28
CA GLU A 296 20.00 12.05 4.96
C GLU A 296 20.50 11.86 3.53
N SER A 297 20.82 10.63 3.17
CA SER A 297 21.46 10.36 1.88
C SER A 297 20.50 10.18 0.71
N VAL A 298 19.24 10.58 0.87
CA VAL A 298 18.27 10.35 -0.18
C VAL A 298 18.18 11.52 -1.18
N THR A 299 18.08 11.17 -2.46
CA THR A 299 17.73 12.12 -3.52
C THR A 299 16.25 11.88 -3.86
N TRP A 300 15.37 12.76 -3.37
CA TRP A 300 13.92 12.55 -3.47
C TRP A 300 13.34 12.74 -4.86
N GLU A 301 14.02 13.53 -5.68
CA GLU A 301 13.48 13.99 -6.97
C GLU A 301 13.30 12.92 -8.05
N ASN A 302 14.12 11.88 -8.05
CA ASN A 302 14.04 10.91 -9.14
C ASN A 302 14.18 9.46 -8.71
N LEU A 303 13.64 9.11 -7.54
CA LEU A 303 13.79 7.76 -6.98
C LEU A 303 13.53 6.61 -7.96
N HIS A 304 12.51 6.78 -8.77
CA HIS A 304 12.07 5.77 -9.71
C HIS A 304 13.14 5.55 -10.80
N GLN A 305 14.05 6.52 -10.93
CA GLN A 305 15.13 6.44 -11.91
C GLN A 305 16.38 5.80 -11.30
N GLN A 306 16.36 5.63 -9.99
CA GLN A 306 17.52 5.09 -9.32
C GLN A 306 17.48 3.56 -9.30
N THR A 307 18.65 2.96 -9.18
CA THR A 307 18.79 1.52 -9.19
C THR A 307 18.57 1.01 -7.78
N PRO A 308 17.46 0.27 -7.55
CA PRO A 308 17.14 -0.19 -6.20
C PRO A 308 18.32 -0.99 -5.65
N PRO A 309 18.61 -0.85 -4.35
CA PRO A 309 19.73 -1.60 -3.78
C PRO A 309 19.39 -3.10 -3.77
N LYS A 310 20.40 -3.94 -3.96
CA LYS A 310 20.19 -5.39 -4.07
C LYS A 310 19.80 -6.00 -2.73
N LEU A 311 18.74 -6.81 -2.74
CA LEU A 311 18.30 -7.50 -1.53
C LEU A 311 19.00 -8.86 -1.34
#